data_3TAW
#
_entry.id   3TAW
#
_cell.length_a   56.361
_cell.length_b   56.361
_cell.length_c   231.759
_cell.angle_alpha   90.000
_cell.angle_beta   90.000
_cell.angle_gamma   90.000
#
_symmetry.space_group_name_H-M   'P 41 21 2'
#
loop_
_entity.id
_entity.type
_entity.pdbx_description
1 polymer 'Hypothetical glycoside hydrolase'
2 non-polymer 'UNKNOWN LIGAND'
3 non-polymer 'MAGNESIUM ION'
4 non-polymer 'ACETATE ION'
5 non-polymer 1,2-ETHANEDIOL
6 water water
#
_entity_poly.entity_id   1
_entity_poly.type   'polypeptide(L)'
_entity_poly.pdbx_seq_one_letter_code
;GAVSETISETAWCLDGFERPTGVNPVIKPLPTKFYCP(MSE)REDSVAWEESDTFNPAATIYDGKIVV(MSE)YRAEDNS
AQGIGSRTSRLGYATSTDGIHFERDTKPAFYPAKDNQAENECPGGTEDPRIA(MSE)TEDGTYVLLYTQWNRKVPRLAVA
TSKDLKHWTKFGPAFEKAYNGKFKDEATKSASLVTTLKGDKQVIAKVNGKYF(MSE)YWGEKNVYAATSDNLIDWDPLLD
ENGELLKLFSPRSGYFDSQLTECGPPAILTKDGIVLLYNGKNEPGEKGDTAYPANSYCAGQALFDVNNPTKLIGRLDKPF
LQPTDDFEKSGQYPAGTVFVEGLVYYRNKWYLYYGCADSFVAVAVSDKQLNF
;
_entity_poly.pdbx_strand_id   A
#
# COMPACT_ATOMS: atom_id res chain seq x y z
N SER A 8 12.40 -21.25 15.21
CA SER A 8 11.74 -21.29 13.86
C SER A 8 12.48 -20.38 12.89
N GLU A 9 12.69 -20.87 11.66
CA GLU A 9 13.33 -20.07 10.62
C GLU A 9 12.44 -18.89 10.18
N THR A 10 11.11 -19.00 10.40
CA THR A 10 10.18 -17.91 10.10
C THR A 10 9.64 -17.19 11.33
N ALA A 11 10.28 -17.36 12.50
CA ALA A 11 9.90 -16.65 13.73
C ALA A 11 9.89 -15.12 13.57
N TRP A 12 10.71 -14.59 12.66
CA TRP A 12 10.81 -13.15 12.40
C TRP A 12 9.56 -12.57 11.72
N CYS A 13 8.74 -13.39 11.10
CA CYS A 13 7.65 -12.86 10.28
C CYS A 13 6.42 -12.50 11.11
N LEU A 14 5.60 -11.62 10.56
CA LEU A 14 4.36 -11.24 11.24
C LEU A 14 3.26 -12.11 10.66
N ASP A 15 3.09 -13.27 11.26
CA ASP A 15 2.06 -14.22 10.86
C ASP A 15 1.03 -14.35 12.00
N GLY A 16 0.25 -15.42 12.00
CA GLY A 16 -0.81 -15.57 12.98
C GLY A 16 -2.08 -14.81 12.61
N PHE A 17 -2.18 -14.35 11.37
CA PHE A 17 -3.36 -13.60 10.96
C PHE A 17 -4.58 -14.49 10.75
N GLU A 18 -5.72 -14.01 11.21
CA GLU A 18 -6.99 -14.71 11.03
C GLU A 18 -8.05 -13.69 10.66
N ARG A 19 -8.85 -14.02 9.66
CA ARG A 19 -10.04 -13.24 9.34
C ARG A 19 -11.06 -13.42 10.47
N PRO A 20 -11.52 -12.33 11.09
CA PRO A 20 -12.55 -12.54 12.13
C PRO A 20 -13.79 -13.12 11.52
N THR A 21 -14.39 -14.10 12.19
CA THR A 21 -15.47 -14.89 11.60
C THR A 21 -16.63 -14.01 11.13
N GLY A 22 -16.97 -14.13 9.84
CA GLY A 22 -18.16 -13.50 9.27
C GLY A 22 -18.17 -12.00 9.08
N VAL A 23 -17.07 -11.30 9.35
CA VAL A 23 -17.05 -9.82 9.30
C VAL A 23 -16.70 -9.22 7.93
N ASN A 24 -15.93 -9.95 7.14
CA ASN A 24 -15.44 -9.40 5.89
C ASN A 24 -16.44 -9.53 4.77
N PRO A 25 -16.40 -8.58 3.81
CA PRO A 25 -15.57 -7.39 3.78
C PRO A 25 -16.06 -6.29 4.70
N VAL A 26 -15.15 -5.45 5.18
CA VAL A 26 -15.47 -4.39 6.11
C VAL A 26 -15.78 -3.04 5.43
N ILE A 27 -15.38 -2.88 4.15
CA ILE A 27 -15.77 -1.72 3.33
C ILE A 27 -16.23 -2.20 1.99
N LYS A 28 -17.47 -1.83 1.64
CA LYS A 28 -18.07 -2.12 0.35
C LYS A 28 -18.49 -0.80 -0.35
N PRO A 29 -18.66 -0.82 -1.67
CA PRO A 29 -19.17 0.35 -2.40
C PRO A 29 -20.49 0.88 -1.89
N LEU A 30 -20.68 2.19 -2.02
CA LEU A 30 -21.94 2.86 -1.68
C LEU A 30 -22.24 3.91 -2.75
N PRO A 31 -23.50 4.36 -2.86
CA PRO A 31 -23.89 5.35 -3.87
C PRO A 31 -23.67 6.82 -3.49
N THR A 32 -22.88 7.05 -2.45
CA THR A 32 -22.59 8.37 -1.92
C THR A 32 -22.14 9.38 -2.96
N LYS A 33 -22.68 10.60 -2.90
CA LYS A 33 -22.26 11.64 -3.83
C LYS A 33 -21.38 12.68 -3.16
N PHE A 34 -20.47 13.25 -3.94
CA PHE A 34 -19.77 14.46 -3.53
C PHE A 34 -19.51 15.33 -4.73
N TYR A 35 -19.29 16.61 -4.47
CA TYR A 35 -19.02 17.55 -5.54
C TYR A 35 -17.54 17.56 -5.87
N CYS A 36 -17.23 17.00 -7.03
CA CYS A 36 -15.86 16.84 -7.49
C CYS A 36 -15.32 18.11 -8.14
N PRO A 37 -14.20 18.65 -7.60
CA PRO A 37 -13.64 19.88 -8.16
C PRO A 37 -12.90 19.66 -9.48
N ARG A 39 -14.09 17.38 -11.97
CA ARG A 39 -15.21 17.30 -12.91
CA ARG A 39 -15.19 17.32 -12.94
C ARG A 39 -16.13 18.53 -12.84
N GLU A 40 -16.09 19.24 -11.71
CA GLU A 40 -17.08 20.30 -11.41
C GLU A 40 -18.49 19.72 -11.57
N ASP A 41 -18.72 18.66 -10.82
CA ASP A 41 -19.95 17.90 -10.93
C ASP A 41 -20.12 17.02 -9.71
N SER A 42 -21.36 16.75 -9.30
CA SER A 42 -21.58 15.76 -8.26
CA SER A 42 -21.56 15.76 -8.26
C SER A 42 -21.36 14.35 -8.82
N VAL A 43 -20.51 13.59 -8.14
CA VAL A 43 -20.07 12.28 -8.60
C VAL A 43 -20.30 11.22 -7.52
N ALA A 44 -20.69 10.02 -7.95
CA ALA A 44 -20.80 8.88 -7.04
C ALA A 44 -19.41 8.23 -6.91
N TRP A 45 -18.66 8.76 -5.96
CA TRP A 45 -17.23 8.56 -5.88
C TRP A 45 -16.79 7.20 -5.37
N GLU A 46 -17.73 6.42 -4.81
CA GLU A 46 -17.38 5.10 -4.28
C GLU A 46 -18.38 4.04 -4.72
N GLU A 47 -19.01 4.27 -5.86
CA GLU A 47 -20.09 3.43 -6.34
C GLU A 47 -19.65 2.08 -6.87
N SER A 48 -18.43 2.00 -7.40
CA SER A 48 -18.02 0.78 -8.12
C SER A 48 -17.22 -0.22 -7.28
N ASP A 49 -16.15 0.25 -6.67
CA ASP A 49 -15.21 -0.63 -5.95
C ASP A 49 -14.51 0.17 -4.85
N THR A 50 -14.26 -0.47 -3.71
CA THR A 50 -13.60 0.15 -2.56
C THR A 50 -12.57 -0.86 -2.08
N PHE A 51 -11.28 -0.53 -2.25
CA PHE A 51 -10.24 -1.54 -2.07
C PHE A 51 -8.91 -0.91 -1.65
N ASN A 52 -7.80 -1.62 -1.87
CA ASN A 52 -6.40 -1.16 -1.65
C ASN A 52 -6.25 -0.01 -0.67
N PRO A 53 -6.32 -0.33 0.62
CA PRO A 53 -6.45 0.70 1.65
C PRO A 53 -5.16 1.02 2.40
N ALA A 54 -5.02 2.26 2.80
CA ALA A 54 -4.04 2.64 3.81
C ALA A 54 -4.70 2.58 5.16
N ALA A 55 -3.89 2.42 6.22
CA ALA A 55 -4.40 2.48 7.58
C ALA A 55 -3.41 3.15 8.50
N THR A 56 -3.95 3.83 9.49
CA THR A 56 -3.13 4.45 10.49
C THR A 56 -3.95 4.63 11.77
N ILE A 57 -3.36 5.25 12.78
CA ILE A 57 -4.05 5.54 14.05
C ILE A 57 -4.00 7.04 14.21
N TYR A 58 -5.16 7.62 14.52
CA TYR A 58 -5.29 9.05 14.75
C TYR A 58 -6.41 9.28 15.76
N ASP A 59 -6.16 10.15 16.74
CA ASP A 59 -7.17 10.55 17.72
C ASP A 59 -7.85 9.35 18.37
N GLY A 60 -7.04 8.38 18.77
CA GLY A 60 -7.51 7.21 19.51
C GLY A 60 -8.18 6.10 18.70
N LYS A 61 -8.31 6.29 17.38
CA LYS A 61 -9.00 5.35 16.53
C LYS A 61 -8.15 4.83 15.37
N ILE A 62 -8.55 3.68 14.86
CA ILE A 62 -8.02 3.20 13.59
C ILE A 62 -8.67 4.03 12.49
N VAL A 63 -7.85 4.50 11.54
CA VAL A 63 -8.36 5.19 10.34
C VAL A 63 -7.95 4.35 9.15
N VAL A 64 -8.93 4.00 8.32
CA VAL A 64 -8.65 3.37 7.05
C VAL A 64 -8.99 4.38 5.98
N TYR A 66 -9.47 4.20 2.26
CA TYR A 66 -9.63 3.20 1.21
C TYR A 66 -9.62 3.83 -0.18
N ARG A 67 -9.11 3.06 -1.13
CA ARG A 67 -9.16 3.47 -2.52
C ARG A 67 -10.57 3.25 -3.01
N ALA A 68 -11.23 4.32 -3.46
CA ALA A 68 -12.60 4.23 -3.94
C ALA A 68 -12.62 4.60 -5.41
N GLU A 69 -13.34 3.82 -6.20
CA GLU A 69 -13.49 4.09 -7.62
C GLU A 69 -14.93 4.36 -7.98
N ASP A 70 -15.12 5.39 -8.80
CA ASP A 70 -16.43 5.63 -9.40
C ASP A 70 -16.67 4.72 -10.61
N ASN A 71 -17.86 4.84 -11.21
CA ASN A 71 -18.22 4.02 -12.37
C ASN A 71 -18.13 4.82 -13.68
N SER A 72 -17.15 5.74 -13.76
CA SER A 72 -17.07 6.62 -14.94
C SER A 72 -16.60 5.84 -16.20
N ALA A 73 -15.99 4.68 -15.98
CA ALA A 73 -15.67 3.73 -17.04
C ALA A 73 -15.52 2.32 -16.47
N GLN A 74 -15.45 1.32 -17.34
CA GLN A 74 -15.21 -0.08 -16.96
C GLN A 74 -13.81 -0.53 -17.37
N GLY A 75 -13.12 -1.25 -16.49
CA GLY A 75 -11.78 -1.77 -16.79
C GLY A 75 -10.80 -1.30 -15.73
N ILE A 76 -9.83 -2.14 -15.39
CA ILE A 76 -8.83 -1.78 -14.41
C ILE A 76 -8.12 -0.53 -14.91
N GLY A 77 -8.07 0.49 -14.07
CA GLY A 77 -7.35 1.72 -14.38
C GLY A 77 -8.09 2.69 -15.30
N SER A 78 -9.36 2.43 -15.56
CA SER A 78 -10.16 3.22 -16.52
C SER A 78 -10.97 4.37 -15.90
N ARG A 79 -11.03 4.43 -14.57
CA ARG A 79 -11.98 5.33 -13.88
C ARG A 79 -11.21 6.33 -12.99
N THR A 80 -11.85 6.89 -11.96
CA THR A 80 -11.17 7.84 -11.10
C THR A 80 -11.12 7.29 -9.69
N SER A 81 -9.91 7.27 -9.12
CA SER A 81 -9.70 6.84 -7.73
C SER A 81 -9.59 8.05 -6.81
N ARG A 82 -10.24 7.93 -5.65
CA ARG A 82 -10.24 8.93 -4.60
C ARG A 82 -10.14 8.13 -3.28
N LEU A 83 -9.70 8.79 -2.21
CA LEU A 83 -9.54 8.11 -0.95
C LEU A 83 -10.62 8.49 0.04
N GLY A 84 -11.26 7.46 0.57
CA GLY A 84 -12.24 7.59 1.64
C GLY A 84 -11.60 7.74 2.98
N TYR A 85 -12.42 8.03 3.99
CA TYR A 85 -11.94 8.19 5.36
C TYR A 85 -12.91 7.45 6.28
N ALA A 86 -12.43 6.41 6.94
CA ALA A 86 -13.27 5.57 7.78
C ALA A 86 -12.58 5.35 9.11
N THR A 87 -13.34 5.45 10.21
CA THR A 87 -12.76 5.26 11.54
C THR A 87 -13.37 4.06 12.26
N SER A 88 -12.60 3.48 13.19
CA SER A 88 -13.08 2.32 13.94
C SER A 88 -12.42 2.26 15.31
N THR A 89 -13.15 1.73 16.29
CA THR A 89 -12.57 1.48 17.61
C THR A 89 -12.37 0.01 17.88
N ASP A 90 -12.80 -0.85 16.97
CA ASP A 90 -12.62 -2.30 17.11
C ASP A 90 -11.88 -2.94 15.93
N GLY A 91 -11.55 -2.13 14.91
CA GLY A 91 -10.84 -2.63 13.73
C GLY A 91 -11.70 -3.32 12.69
N ILE A 92 -13.00 -3.46 12.97
CA ILE A 92 -13.91 -4.26 12.15
C ILE A 92 -15.08 -3.45 11.64
N HIS A 93 -15.74 -2.70 12.53
CA HIS A 93 -16.86 -1.86 12.19
C HIS A 93 -16.38 -0.41 11.98
N PHE A 94 -16.67 0.13 10.81
CA PHE A 94 -16.18 1.45 10.40
C PHE A 94 -17.27 2.44 10.19
N GLU A 95 -16.98 3.65 10.61
CA GLU A 95 -17.82 4.82 10.35
C GLU A 95 -17.16 5.63 9.24
N ARG A 96 -17.88 5.79 8.12
CA ARG A 96 -17.28 6.36 6.89
C ARG A 96 -17.76 7.76 6.62
N ASP A 97 -16.84 8.64 6.25
CA ASP A 97 -17.18 9.95 5.77
C ASP A 97 -17.90 9.87 4.41
N THR A 98 -18.81 10.81 4.20
CA THR A 98 -19.51 10.89 2.93
C THR A 98 -18.70 11.62 1.87
N LYS A 99 -17.74 12.45 2.29
CA LYS A 99 -16.84 13.13 1.38
C LYS A 99 -15.47 12.44 1.41
N PRO A 100 -14.88 12.16 0.23
CA PRO A 100 -13.52 11.65 0.24
C PRO A 100 -12.54 12.66 0.88
N ALA A 101 -11.51 12.14 1.55
CA ALA A 101 -10.52 12.99 2.23
C ALA A 101 -9.32 13.36 1.34
N PHE A 102 -9.17 12.64 0.22
CA PHE A 102 -8.07 12.88 -0.72
C PHE A 102 -8.54 12.55 -2.13
N TYR A 103 -8.22 13.42 -3.07
CA TYR A 103 -8.79 13.34 -4.41
C TYR A 103 -8.09 14.29 -5.36
N PRO A 104 -8.22 14.02 -6.68
CA PRO A 104 -7.64 14.93 -7.65
C PRO A 104 -8.46 16.24 -7.68
N ALA A 105 -7.81 17.35 -8.03
CA ALA A 105 -8.46 18.63 -7.95
C ALA A 105 -7.76 19.59 -8.90
N LYS A 106 -8.24 20.83 -8.96
CA LYS A 106 -7.57 21.87 -9.78
C LYS A 106 -6.50 22.53 -8.89
N ASP A 107 -5.51 21.72 -8.54
CA ASP A 107 -4.44 22.12 -7.62
C ASP A 107 -3.10 21.94 -8.32
N ASN A 108 -2.01 22.03 -7.58
CA ASN A 108 -0.66 21.97 -8.15
C ASN A 108 -0.32 20.62 -8.82
N GLN A 109 -1.11 19.58 -8.57
CA GLN A 109 -0.86 18.26 -9.12
C GLN A 109 -1.85 17.85 -10.18
N ALA A 110 -2.61 18.82 -10.70
CA ALA A 110 -3.74 18.49 -11.56
C ALA A 110 -3.33 17.66 -12.77
N GLU A 111 -2.23 18.03 -13.44
N GLU A 111 -2.23 18.03 -13.42
CA GLU A 111 -1.81 17.32 -14.66
CA GLU A 111 -1.77 17.36 -14.64
C GLU A 111 -1.45 15.86 -14.39
C GLU A 111 -1.33 15.90 -14.44
N ASN A 112 -0.82 15.59 -13.25
CA ASN A 112 -0.38 14.24 -12.93
C ASN A 112 -1.51 13.34 -12.44
N GLU A 113 -2.57 13.96 -11.92
CA GLU A 113 -3.65 13.23 -11.24
C GLU A 113 -4.98 13.21 -11.98
N CYS A 114 -5.06 13.95 -13.10
N CYS A 114 -5.10 13.95 -13.08
CA CYS A 114 -6.27 14.03 -13.92
CA CYS A 114 -6.37 14.00 -13.79
C CYS A 114 -6.12 13.17 -15.16
C CYS A 114 -6.22 13.29 -15.14
N PRO A 115 -7.11 12.31 -15.46
CA PRO A 115 -8.39 12.02 -14.78
C PRO A 115 -8.42 10.79 -13.87
N GLY A 116 -7.30 10.09 -13.71
CA GLY A 116 -7.30 8.81 -13.02
C GLY A 116 -7.29 8.92 -11.50
N GLY A 117 -6.89 10.08 -11.00
CA GLY A 117 -6.95 10.34 -9.57
C GLY A 117 -5.80 9.77 -8.74
N THR A 118 -6.12 9.39 -7.51
CA THR A 118 -5.14 9.14 -6.49
C THR A 118 -5.31 7.71 -5.98
N GLU A 119 -4.38 6.81 -6.33
CA GLU A 119 -4.54 5.38 -6.05
C GLU A 119 -3.62 4.87 -4.93
N ASP A 120 -4.01 3.72 -4.36
CA ASP A 120 -3.08 2.83 -3.66
C ASP A 120 -2.22 3.53 -2.62
N PRO A 121 -2.89 4.12 -1.62
CA PRO A 121 -2.23 4.87 -0.55
C PRO A 121 -1.50 3.95 0.45
N ARG A 122 -0.38 4.44 0.99
CA ARG A 122 0.18 3.94 2.23
C ARG A 122 0.43 5.13 3.11
N ILE A 123 0.18 4.96 4.40
CA ILE A 123 0.38 6.01 5.39
C ILE A 123 1.30 5.53 6.49
N ALA A 124 2.21 6.40 6.91
CA ALA A 124 2.96 6.23 8.15
C ALA A 124 3.08 7.59 8.82
N THR A 126 5.27 10.32 11.49
CA THR A 126 6.52 10.69 12.17
C THR A 126 6.32 10.80 13.66
N GLU A 127 7.43 10.83 14.39
CA GLU A 127 7.36 10.95 15.84
C GLU A 127 6.69 12.25 16.24
N ASP A 128 6.81 13.31 15.44
CA ASP A 128 6.18 14.58 15.77
C ASP A 128 4.75 14.72 15.23
N GLY A 129 4.19 13.61 14.75
CA GLY A 129 2.77 13.53 14.45
C GLY A 129 2.37 13.94 13.03
N THR A 130 3.33 13.94 12.10
CA THR A 130 3.02 14.20 10.71
C THR A 130 2.73 12.90 9.94
N TYR A 131 1.55 12.84 9.33
CA TYR A 131 1.16 11.70 8.50
C TYR A 131 1.74 11.91 7.11
N VAL A 132 2.42 10.87 6.63
CA VAL A 132 3.08 10.91 5.33
C VAL A 132 2.38 9.87 4.43
N LEU A 133 1.75 10.38 3.38
CA LEU A 133 0.96 9.60 2.44
C LEU A 133 1.74 9.45 1.16
N LEU A 134 1.98 8.18 0.80
CA LEU A 134 2.61 7.80 -0.46
C LEU A 134 1.55 7.14 -1.29
N TYR A 135 1.35 7.63 -2.51
CA TYR A 135 0.24 7.19 -3.36
C TYR A 135 0.61 7.33 -4.82
N THR A 136 -0.22 6.77 -5.69
CA THR A 136 0.01 6.83 -7.13
C THR A 136 -0.85 7.92 -7.75
N GLN A 137 -0.22 8.79 -8.51
CA GLN A 137 -0.92 9.76 -9.36
C GLN A 137 -1.18 9.09 -10.69
N TRP A 138 -2.41 9.12 -11.18
CA TRP A 138 -2.73 8.49 -12.47
C TRP A 138 -3.43 9.45 -13.38
N ASN A 139 -2.81 9.70 -14.52
CA ASN A 139 -3.36 10.60 -15.51
C ASN A 139 -3.59 9.86 -16.84
N ARG A 140 -3.68 8.54 -16.76
CA ARG A 140 -3.84 7.66 -17.95
C ARG A 140 -2.64 7.62 -18.88
N LYS A 141 -1.53 8.21 -18.47
CA LYS A 141 -0.31 8.16 -19.25
C LYS A 141 0.81 7.48 -18.46
N VAL A 142 1.16 8.04 -17.30
CA VAL A 142 2.22 7.49 -16.46
C VAL A 142 1.75 7.50 -15.00
N PRO A 143 1.85 6.34 -14.30
CA PRO A 143 1.61 6.35 -12.87
C PRO A 143 2.85 6.84 -12.14
N ARG A 144 2.65 7.75 -11.18
CA ARG A 144 3.79 8.33 -10.47
C ARG A 144 3.57 8.25 -8.98
N LEU A 145 4.58 7.76 -8.28
CA LEU A 145 4.57 7.76 -6.83
C LEU A 145 4.71 9.20 -6.35
N ALA A 146 3.81 9.64 -5.48
CA ALA A 146 3.83 11.01 -4.99
C ALA A 146 3.62 11.04 -3.48
N VAL A 147 3.90 12.20 -2.89
CA VAL A 147 3.90 12.38 -1.45
C VAL A 147 2.96 13.51 -1.02
N ALA A 148 2.22 13.28 0.06
CA ALA A 148 1.46 14.35 0.68
C ALA A 148 1.58 14.20 2.19
N THR A 149 1.49 15.32 2.90
CA THR A 149 1.53 15.29 4.35
C THR A 149 0.37 16.05 5.01
N SER A 150 0.07 15.67 6.25
CA SER A 150 -0.98 16.33 7.05
C SER A 150 -0.76 16.02 8.51
N LYS A 151 -1.40 16.80 9.37
CA LYS A 151 -1.41 16.53 10.81
C LYS A 151 -2.71 15.85 11.24
N ASP A 152 -3.74 15.93 10.39
CA ASP A 152 -5.08 15.50 10.76
C ASP A 152 -5.76 14.61 9.72
N LEU A 153 -5.01 14.19 8.69
CA LEU A 153 -5.49 13.29 7.65
C LEU A 153 -6.58 13.91 6.75
N LYS A 154 -6.77 15.22 6.87
CA LYS A 154 -7.78 15.94 6.06
C LYS A 154 -7.28 17.21 5.41
N HIS A 155 -6.39 17.94 6.07
CA HIS A 155 -5.81 19.14 5.50
C HIS A 155 -4.44 18.76 4.98
N TRP A 156 -4.41 18.38 3.70
CA TRP A 156 -3.22 17.81 3.08
C TRP A 156 -2.47 18.84 2.26
N THR A 157 -1.15 18.74 2.27
CA THR A 157 -0.26 19.42 1.33
C THR A 157 0.32 18.39 0.37
N LYS A 158 0.09 18.59 -0.93
CA LYS A 158 0.63 17.73 -1.98
C LYS A 158 1.99 18.26 -2.40
N PHE A 159 3.02 17.43 -2.32
CA PHE A 159 4.38 17.83 -2.71
C PHE A 159 4.82 17.32 -4.08
N GLY A 160 3.97 16.53 -4.71
CA GLY A 160 4.25 15.98 -6.02
C GLY A 160 5.06 14.69 -5.99
N PRO A 161 5.53 14.25 -7.17
CA PRO A 161 6.20 12.96 -7.29
C PRO A 161 7.42 12.81 -6.41
N ALA A 162 7.56 11.64 -5.80
CA ALA A 162 8.66 11.36 -4.88
C ALA A 162 10.02 11.45 -5.56
N PHE A 163 10.07 11.14 -6.85
CA PHE A 163 11.35 11.12 -7.61
C PHE A 163 11.45 12.25 -8.64
N GLU A 164 10.72 13.34 -8.41
CA GLU A 164 10.73 14.48 -9.34
C GLU A 164 12.14 15.03 -9.49
N LYS A 165 12.83 15.23 -8.37
CA LYS A 165 14.11 15.96 -8.38
C LYS A 165 15.35 15.09 -8.58
N ALA A 166 15.31 13.86 -8.06
CA ALA A 166 16.50 12.98 -7.96
C ALA A 166 17.23 12.84 -9.28
N TYR A 167 18.56 12.97 -9.21
CA TYR A 167 19.45 12.75 -10.36
C TYR A 167 18.99 13.54 -11.57
N ASN A 168 18.76 14.84 -11.35
CA ASN A 168 18.33 15.74 -12.41
C ASN A 168 17.02 15.29 -13.09
N GLY A 169 16.11 14.71 -12.31
CA GLY A 169 14.81 14.29 -12.82
C GLY A 169 14.81 13.02 -13.64
N LYS A 170 15.86 12.21 -13.50
CA LYS A 170 16.02 11.01 -14.31
C LYS A 170 14.78 10.12 -14.35
N PHE A 171 14.12 9.95 -13.21
CA PHE A 171 12.99 9.03 -13.10
C PHE A 171 11.64 9.70 -13.03
N LYS A 172 11.59 11.02 -13.29
CA LYS A 172 10.35 11.80 -13.10
C LYS A 172 9.20 11.36 -14.02
N ASP A 173 9.52 10.71 -15.13
CA ASP A 173 8.51 10.25 -16.08
C ASP A 173 8.46 8.73 -16.20
N GLU A 174 9.08 8.04 -15.24
CA GLU A 174 9.02 6.59 -15.18
C GLU A 174 7.78 6.19 -14.42
N ALA A 175 7.26 5.01 -14.76
CA ALA A 175 6.11 4.45 -14.06
C ALA A 175 6.53 3.95 -12.68
N THR A 176 5.99 4.54 -11.61
CA THR A 176 6.34 4.19 -10.25
C THR A 176 5.08 4.18 -9.36
N LYS A 177 5.15 3.41 -8.29
CA LYS A 177 4.03 3.21 -7.36
C LYS A 177 4.47 2.29 -6.23
N SER A 178 3.64 2.22 -5.19
CA SER A 178 3.68 1.16 -4.17
C SER A 178 4.88 1.27 -3.25
N ALA A 179 4.78 2.16 -2.26
CA ALA A 179 5.91 2.45 -1.38
C ALA A 179 5.66 2.10 0.07
N SER A 180 6.67 1.49 0.70
CA SER A 180 6.63 1.06 2.10
C SER A 180 7.76 1.74 2.85
N LEU A 181 7.42 2.82 3.56
CA LEU A 181 8.37 3.51 4.41
C LEU A 181 8.76 2.63 5.60
N VAL A 182 10.00 2.76 6.03
CA VAL A 182 10.44 2.05 7.23
C VAL A 182 9.93 2.76 8.49
N THR A 183 9.29 1.95 9.35
CA THR A 183 8.74 2.37 10.63
C THR A 183 9.31 1.44 11.70
N THR A 184 9.08 1.82 12.96
CA THR A 184 9.35 0.92 14.07
C THR A 184 8.35 1.19 15.18
N LEU A 185 8.29 0.32 16.19
CA LEU A 185 7.43 0.57 17.34
CA LEU A 185 7.44 0.52 17.36
C LEU A 185 8.28 1.03 18.50
N LYS A 186 7.91 2.18 19.06
N LYS A 186 7.89 2.16 19.07
CA LYS A 186 8.50 2.67 20.29
CA LYS A 186 8.48 2.68 20.28
C LYS A 186 7.43 2.52 21.36
C LYS A 186 7.42 2.51 21.36
N GLY A 187 7.58 1.47 22.18
CA GLY A 187 6.47 0.99 22.99
C GLY A 187 5.38 0.51 22.05
N ASP A 188 4.17 1.05 22.19
CA ASP A 188 3.05 0.69 21.34
C ASP A 188 2.86 1.66 20.16
N LYS A 189 3.78 2.61 19.99
CA LYS A 189 3.62 3.69 19.03
C LYS A 189 4.43 3.42 17.75
N GLN A 190 3.74 3.33 16.62
CA GLN A 190 4.40 3.04 15.34
C GLN A 190 4.74 4.34 14.62
N VAL A 191 6.05 4.56 14.43
CA VAL A 191 6.56 5.79 13.85
C VAL A 191 7.60 5.53 12.76
N ILE A 192 7.67 6.45 11.82
CA ILE A 192 8.71 6.45 10.78
C ILE A 192 10.09 6.45 11.47
N ALA A 193 10.98 5.59 10.98
CA ALA A 193 12.29 5.35 11.58
C ALA A 193 13.38 5.53 10.55
N LYS A 194 14.38 6.34 10.88
CA LYS A 194 15.57 6.46 10.03
C LYS A 194 16.40 5.20 10.10
N VAL A 195 17.09 4.91 8.99
CA VAL A 195 18.05 3.84 8.90
C VAL A 195 19.36 4.47 8.46
N ASN A 196 20.38 4.31 9.29
CA ASN A 196 21.67 4.97 9.04
C ASN A 196 21.54 6.47 8.76
N GLY A 197 20.68 7.13 9.54
CA GLY A 197 20.50 8.58 9.48
C GLY A 197 19.61 9.13 8.36
N LYS A 198 19.04 8.26 7.54
CA LYS A 198 18.18 8.66 6.43
C LYS A 198 16.82 7.99 6.54
N TYR A 199 15.79 8.66 6.05
CA TYR A 199 14.50 8.01 5.88
C TYR A 199 14.67 6.99 4.76
N PHE A 200 13.93 5.90 4.84
CA PHE A 200 14.13 4.80 3.90
C PHE A 200 12.80 4.21 3.49
N TYR A 202 11.10 0.94 0.81
CA TYR A 202 11.08 -0.07 -0.25
C TYR A 202 9.93 0.35 -1.16
N TRP A 203 10.12 0.24 -2.46
CA TRP A 203 9.02 0.57 -3.37
C TRP A 203 9.08 -0.28 -4.62
N GLY A 204 7.95 -0.35 -5.31
CA GLY A 204 7.90 -0.99 -6.62
C GLY A 204 6.84 -2.05 -6.76
N GLU A 205 6.59 -2.42 -8.01
CA GLU A 205 5.64 -3.44 -8.43
C GLU A 205 6.36 -4.61 -9.14
N LYS A 206 7.15 -4.31 -10.16
CA LYS A 206 7.82 -5.34 -10.97
C LYS A 206 9.04 -5.96 -10.27
N ASN A 207 9.67 -5.19 -9.37
CA ASN A 207 10.72 -5.64 -8.48
C ASN A 207 10.58 -4.82 -7.20
N VAL A 208 11.28 -5.23 -6.15
CA VAL A 208 11.40 -4.43 -4.94
C VAL A 208 12.68 -3.56 -5.08
N TYR A 209 12.45 -2.26 -5.19
CA TYR A 209 13.49 -1.25 -5.27
C TYR A 209 13.56 -0.53 -3.92
N ALA A 210 14.42 0.48 -3.80
CA ALA A 210 14.44 1.28 -2.58
C ALA A 210 14.78 2.74 -2.86
N ALA A 211 14.63 3.58 -1.83
CA ALA A 211 14.98 4.98 -1.94
C ALA A 211 15.24 5.55 -0.58
N THR A 212 16.06 6.60 -0.55
CA THR A 212 16.32 7.33 0.68
C THR A 212 15.89 8.79 0.56
N SER A 213 15.77 9.43 1.71
CA SER A 213 15.39 10.84 1.77
C SER A 213 15.88 11.45 3.08
N ASP A 214 16.18 12.74 3.03
CA ASP A 214 16.43 13.53 4.25
C ASP A 214 15.20 14.29 4.75
N ASN A 215 14.17 14.44 3.91
CA ASN A 215 13.06 15.33 4.26
C ASN A 215 11.68 14.73 4.07
N LEU A 216 11.61 13.44 3.74
CA LEU A 216 10.35 12.68 3.53
C LEU A 216 9.59 13.02 2.25
N ILE A 217 10.02 14.03 1.51
CA ILE A 217 9.28 14.42 0.30
CA ILE A 217 9.33 14.53 0.33
C ILE A 217 10.06 14.20 -0.98
N ASP A 218 11.36 14.51 -0.98
CA ASP A 218 12.21 14.24 -2.12
C ASP A 218 13.02 12.98 -1.83
N TRP A 219 12.82 11.98 -2.68
CA TRP A 219 13.41 10.65 -2.50
C TRP A 219 14.40 10.36 -3.61
N ASP A 220 15.50 9.69 -3.25
CA ASP A 220 16.54 9.27 -4.20
C ASP A 220 16.52 7.74 -4.31
N PRO A 221 16.10 7.23 -5.46
CA PRO A 221 16.12 5.78 -5.70
C PRO A 221 17.53 5.23 -5.65
N LEU A 222 17.68 4.06 -5.05
CA LEU A 222 18.98 3.41 -5.02
C LEU A 222 19.31 2.90 -6.42
N LEU A 223 20.56 3.09 -6.83
CA LEU A 223 21.00 2.75 -8.18
C LEU A 223 22.13 1.73 -8.18
N ASP A 224 22.27 1.04 -9.30
CA ASP A 224 23.40 0.15 -9.53
C ASP A 224 24.54 0.94 -10.18
N GLU A 225 25.59 0.24 -10.57
CA GLU A 225 26.79 0.89 -11.13
C GLU A 225 26.57 1.57 -12.49
N ASN A 226 25.53 1.13 -13.22
CA ASN A 226 25.17 1.71 -14.51
C ASN A 226 24.18 2.86 -14.36
N GLY A 227 23.82 3.21 -13.13
CA GLY A 227 22.84 4.26 -12.91
C GLY A 227 21.40 3.84 -13.14
N GLU A 228 21.16 2.52 -13.15
N GLU A 228 21.12 2.54 -13.18
CA GLU A 228 19.82 1.94 -13.28
CA GLU A 228 19.75 2.05 -13.30
C GLU A 228 19.27 1.67 -11.89
C GLU A 228 19.28 1.52 -11.95
N LEU A 229 17.96 1.44 -11.79
CA LEU A 229 17.35 1.12 -10.48
C LEU A 229 17.90 -0.19 -9.92
N LEU A 230 18.34 -0.15 -8.67
CA LEU A 230 18.84 -1.31 -7.98
C LEU A 230 17.66 -2.22 -7.57
N LYS A 231 17.75 -3.50 -7.95
CA LYS A 231 16.74 -4.48 -7.60
C LYS A 231 17.12 -5.22 -6.34
N LEU A 232 16.47 -4.93 -5.21
CA LEU A 232 16.77 -5.63 -3.95
C LEU A 232 16.33 -7.10 -4.00
N PHE A 233 15.18 -7.33 -4.60
CA PHE A 233 14.80 -8.66 -5.02
C PHE A 233 13.75 -8.57 -6.12
N SER A 234 13.44 -9.73 -6.71
CA SER A 234 12.67 -9.76 -7.93
C SER A 234 11.75 -10.98 -7.93
N PRO A 235 10.77 -10.99 -8.85
CA PRO A 235 9.98 -12.17 -9.04
C PRO A 235 10.83 -13.39 -9.37
N ARG A 236 10.38 -14.55 -8.94
CA ARG A 236 11.20 -15.75 -8.98
C ARG A 236 10.42 -16.97 -9.45
N SER A 237 11.08 -17.75 -10.31
CA SER A 237 10.46 -18.91 -10.90
C SER A 237 10.10 -19.91 -9.82
N GLY A 238 8.90 -20.45 -9.90
CA GLY A 238 8.47 -21.57 -9.04
C GLY A 238 7.79 -21.20 -7.74
N TYR A 239 7.68 -19.90 -7.46
CA TYR A 239 7.05 -19.43 -6.23
C TYR A 239 5.84 -18.61 -6.56
N PHE A 240 5.04 -18.30 -5.53
CA PHE A 240 3.81 -17.51 -5.69
C PHE A 240 4.10 -16.10 -6.21
N ASP A 241 5.27 -15.57 -5.89
CA ASP A 241 5.70 -14.27 -6.36
C ASP A 241 6.63 -14.38 -7.56
N SER A 242 6.06 -14.83 -8.67
CA SER A 242 6.78 -15.22 -9.88
C SER A 242 6.57 -14.26 -11.04
N GLN A 243 5.58 -13.37 -10.96
CA GLN A 243 5.42 -12.32 -11.96
C GLN A 243 5.64 -10.92 -11.42
N LEU A 244 5.18 -10.66 -10.19
CA LEU A 244 5.36 -9.36 -9.53
C LEU A 244 5.72 -9.54 -8.08
N THR A 245 6.48 -8.57 -7.56
CA THR A 245 6.80 -8.44 -6.13
C THR A 245 6.51 -6.97 -5.72
N GLU A 246 5.29 -6.74 -5.26
CA GLU A 246 4.78 -5.37 -5.10
C GLU A 246 4.66 -5.03 -3.61
N CYS A 247 5.37 -3.99 -3.21
CA CYS A 247 5.43 -3.60 -1.81
C CYS A 247 4.03 -3.37 -1.24
N GLY A 248 3.88 -3.71 0.04
CA GLY A 248 2.60 -3.67 0.74
C GLY A 248 2.55 -2.49 1.70
N PRO A 249 2.17 -2.74 2.96
CA PRO A 249 2.15 -1.66 3.93
C PRO A 249 3.54 -1.17 4.30
N PRO A 250 3.63 -0.11 5.12
CA PRO A 250 4.95 0.27 5.63
C PRO A 250 5.72 -0.88 6.28
N ALA A 251 7.04 -0.86 6.06
CA ALA A 251 7.95 -1.85 6.61
C ALA A 251 8.15 -1.59 8.09
N ILE A 252 8.54 -2.64 8.81
CA ILE A 252 8.70 -2.62 10.26
C ILE A 252 10.10 -3.05 10.69
N LEU A 253 10.83 -2.13 11.30
CA LEU A 253 12.18 -2.37 11.80
C LEU A 253 12.07 -3.06 13.14
N THR A 254 12.51 -4.32 13.22
CA THR A 254 12.50 -5.08 14.46
C THR A 254 13.93 -5.40 14.82
N LYS A 255 14.14 -5.96 16.02
CA LYS A 255 15.49 -6.43 16.40
C LYS A 255 16.04 -7.51 15.47
N ASP A 256 15.14 -8.26 14.83
CA ASP A 256 15.52 -9.35 13.93
C ASP A 256 15.67 -8.98 12.49
N GLY A 257 15.42 -7.70 12.15
CA GLY A 257 15.53 -7.20 10.79
C GLY A 257 14.34 -6.34 10.41
N ILE A 258 14.39 -5.80 9.20
CA ILE A 258 13.30 -4.97 8.69
C ILE A 258 12.33 -5.88 7.96
N VAL A 259 11.10 -5.96 8.46
CA VAL A 259 10.08 -6.82 7.90
C VAL A 259 9.30 -6.07 6.84
N LEU A 260 9.22 -6.62 5.63
CA LEU A 260 8.46 -6.05 4.54
C LEU A 260 7.36 -7.00 4.10
N LEU A 261 6.11 -6.61 4.30
CA LEU A 261 4.98 -7.32 3.72
C LEU A 261 4.81 -6.85 2.28
N TYR A 262 4.61 -7.81 1.38
CA TYR A 262 4.49 -7.49 -0.04
C TYR A 262 3.52 -8.45 -0.70
N ASN A 263 3.17 -8.12 -1.93
CA ASN A 263 2.17 -8.80 -2.73
C ASN A 263 2.80 -9.46 -3.94
N GLY A 264 2.65 -10.77 -4.01
CA GLY A 264 3.21 -11.57 -5.11
C GLY A 264 2.15 -11.93 -6.11
N LYS A 265 2.41 -11.71 -7.39
CA LYS A 265 1.51 -12.19 -8.42
C LYS A 265 2.07 -13.49 -8.99
N ASN A 266 1.22 -14.51 -9.08
CA ASN A 266 1.61 -15.85 -9.54
C ASN A 266 1.61 -15.98 -11.06
N GLU A 267 2.75 -16.32 -11.61
CA GLU A 267 2.84 -16.63 -13.05
C GLU A 267 1.97 -17.87 -13.32
N PRO A 268 1.17 -17.83 -14.41
CA PRO A 268 0.47 -19.06 -14.75
C PRO A 268 1.43 -20.21 -15.11
N GLY A 269 1.04 -21.44 -14.78
CA GLY A 269 1.74 -22.62 -15.30
C GLY A 269 2.97 -22.95 -14.49
N GLU A 270 3.88 -23.70 -15.11
CA GLU A 270 4.93 -24.36 -14.34
C GLU A 270 6.00 -23.43 -13.81
N LYS A 271 6.10 -22.23 -14.33
CA LYS A 271 7.11 -21.29 -13.83
CA LYS A 271 7.10 -21.29 -13.82
C LYS A 271 6.57 -20.45 -12.66
N GLY A 272 5.31 -20.66 -12.29
CA GLY A 272 4.76 -20.17 -11.02
C GLY A 272 4.71 -21.31 -10.01
N ASP A 273 3.98 -21.11 -8.92
CA ASP A 273 3.69 -22.15 -7.97
C ASP A 273 2.25 -22.59 -8.19
N THR A 274 2.08 -23.79 -8.73
CA THR A 274 0.74 -24.27 -9.14
C THR A 274 -0.14 -24.65 -7.93
N ALA A 275 0.41 -24.57 -6.73
CA ALA A 275 -0.41 -24.64 -5.51
C ALA A 275 -1.34 -23.44 -5.38
N TYR A 276 -1.08 -22.35 -6.09
CA TYR A 276 -1.91 -21.15 -6.02
C TYR A 276 -2.51 -20.79 -7.38
N PRO A 277 -3.68 -20.15 -7.37
CA PRO A 277 -4.30 -19.85 -8.66
C PRO A 277 -3.42 -18.97 -9.58
N ALA A 278 -3.45 -19.28 -10.86
CA ALA A 278 -2.78 -18.49 -11.87
C ALA A 278 -3.19 -17.03 -11.78
N ASN A 279 -2.22 -16.12 -11.87
CA ASN A 279 -2.41 -14.67 -11.87
C ASN A 279 -2.91 -14.07 -10.56
N SER A 280 -3.07 -14.89 -9.52
CA SER A 280 -3.58 -14.36 -8.25
C SER A 280 -2.49 -13.63 -7.51
N TYR A 281 -2.89 -12.66 -6.67
CA TYR A 281 -1.97 -11.99 -5.76
C TYR A 281 -2.13 -12.56 -4.35
N CYS A 282 -1.06 -13.18 -3.84
CA CYS A 282 -1.00 -13.72 -2.49
C CYS A 282 0.12 -12.97 -1.78
N ALA A 283 -0.01 -12.78 -0.48
CA ALA A 283 0.90 -11.91 0.23
C ALA A 283 2.07 -12.67 0.85
N GLY A 284 3.27 -12.10 0.69
CA GLY A 284 4.51 -12.65 1.25
C GLY A 284 5.19 -11.69 2.20
N GLN A 285 6.34 -12.11 2.72
CA GLN A 285 7.16 -11.25 3.58
C GLN A 285 8.63 -11.44 3.31
N ALA A 286 9.36 -10.34 3.36
CA ALA A 286 10.82 -10.36 3.28
C ALA A 286 11.40 -9.74 4.54
N LEU A 287 12.66 -10.04 4.79
CA LEU A 287 13.40 -9.55 5.94
C LEU A 287 14.73 -8.99 5.45
N PHE A 288 15.02 -7.75 5.85
CA PHE A 288 16.30 -7.12 5.50
C PHE A 288 17.11 -6.83 6.75
N ASP A 289 18.41 -6.76 6.58
CA ASP A 289 19.31 -6.46 7.68
C ASP A 289 19.12 -5.00 8.18
N VAL A 290 19.20 -4.79 9.49
CA VAL A 290 18.97 -3.46 10.05
C VAL A 290 20.07 -2.45 9.75
N ASN A 291 21.29 -2.94 9.50
CA ASN A 291 22.45 -2.08 9.24
C ASN A 291 22.70 -1.85 7.75
N ASN A 292 22.46 -2.90 6.96
CA ASN A 292 22.43 -2.83 5.49
C ASN A 292 21.02 -3.17 5.00
N PRO A 293 20.14 -2.15 4.83
CA PRO A 293 18.76 -2.42 4.53
C PRO A 293 18.50 -2.93 3.10
N THR A 294 19.55 -3.06 2.28
CA THR A 294 19.40 -3.71 0.98
C THR A 294 19.78 -5.20 1.03
N LYS A 295 20.32 -5.64 2.18
CA LYS A 295 20.72 -7.02 2.34
C LYS A 295 19.51 -7.89 2.74
N LEU A 296 19.10 -8.77 1.83
CA LEU A 296 17.95 -9.64 2.06
C LEU A 296 18.42 -10.82 2.88
N ILE A 297 17.79 -11.01 4.04
CA ILE A 297 18.16 -12.10 4.96
C ILE A 297 17.03 -13.05 5.29
N GLY A 298 15.85 -12.82 4.71
CA GLY A 298 14.73 -13.75 4.86
C GLY A 298 13.67 -13.48 3.81
N ARG A 299 12.93 -14.52 3.44
CA ARG A 299 11.82 -14.42 2.48
C ARG A 299 10.95 -15.66 2.59
N LEU A 300 9.64 -15.48 2.75
CA LEU A 300 8.75 -16.64 2.92
C LEU A 300 8.65 -17.40 1.62
N ASP A 301 8.75 -18.73 1.71
CA ASP A 301 8.59 -19.62 0.55
C ASP A 301 7.15 -19.68 0.06
N LYS A 302 6.20 -19.52 0.97
CA LYS A 302 4.78 -19.61 0.68
C LYS A 302 4.07 -18.38 1.27
N PRO A 303 2.95 -17.97 0.66
CA PRO A 303 2.28 -16.76 1.14
C PRO A 303 1.68 -16.95 2.54
N PHE A 304 1.60 -15.87 3.30
CA PHE A 304 1.03 -15.90 4.65
C PHE A 304 -0.46 -15.56 4.58
N LEU A 305 -0.91 -15.10 3.42
CA LEU A 305 -2.32 -14.78 3.18
C LEU A 305 -2.61 -15.04 1.71
N GLN A 306 -3.74 -15.71 1.40
CA GLN A 306 -4.10 -16.00 0.02
C GLN A 306 -5.61 -15.85 -0.15
N PRO A 307 -6.06 -15.58 -1.39
CA PRO A 307 -7.51 -15.50 -1.60
C PRO A 307 -8.23 -16.78 -1.16
N THR A 308 -9.25 -16.61 -0.33
CA THR A 308 -9.95 -17.72 0.31
C THR A 308 -11.45 -17.56 0.18
N ASP A 309 -11.98 -16.43 0.63
CA ASP A 309 -13.40 -16.12 0.44
C ASP A 309 -13.69 -15.74 -1.02
N ASP A 310 -14.93 -15.93 -1.46
N ASP A 310 -14.93 -15.95 -1.46
CA ASP A 310 -15.27 -15.73 -2.88
CA ASP A 310 -15.35 -15.69 -2.85
C ASP A 310 -15.01 -14.29 -3.36
C ASP A 310 -14.95 -14.30 -3.34
N PHE A 311 -15.20 -13.30 -2.49
CA PHE A 311 -14.95 -11.90 -2.86
C PHE A 311 -13.47 -11.50 -2.88
N GLU A 312 -12.61 -12.40 -2.39
CA GLU A 312 -11.15 -12.30 -2.55
C GLU A 312 -10.67 -13.00 -3.82
N LYS A 313 -11.34 -14.10 -4.18
CA LYS A 313 -10.92 -14.95 -5.31
C LYS A 313 -11.21 -14.36 -6.67
N SER A 314 -12.22 -13.49 -6.74
CA SER A 314 -12.61 -12.86 -8.00
CA SER A 314 -12.58 -12.84 -7.99
C SER A 314 -13.40 -11.57 -7.76
N GLY A 315 -13.19 -10.58 -8.61
CA GLY A 315 -13.90 -9.32 -8.54
C GLY A 315 -13.48 -8.48 -9.72
N GLN A 316 -13.28 -7.18 -9.50
CA GLN A 316 -12.81 -6.31 -10.58
C GLN A 316 -11.54 -6.89 -11.20
N TYR A 317 -10.68 -7.44 -10.36
CA TYR A 317 -9.54 -8.23 -10.79
C TYR A 317 -9.98 -9.69 -10.78
N PRO A 318 -10.11 -10.29 -11.97
CA PRO A 318 -10.74 -11.60 -11.99
C PRO A 318 -10.00 -12.78 -11.34
N ALA A 319 -8.67 -12.72 -11.28
CA ALA A 319 -7.87 -13.86 -10.77
C ALA A 319 -7.72 -13.83 -9.25
N GLY A 320 -8.18 -12.75 -8.62
CA GLY A 320 -8.19 -12.64 -7.16
C GLY A 320 -6.98 -11.95 -6.57
N THR A 321 -7.21 -11.20 -5.48
CA THR A 321 -6.11 -10.65 -4.69
C THR A 321 -6.46 -10.66 -3.20
N VAL A 322 -5.41 -10.71 -2.40
CA VAL A 322 -5.48 -10.26 -1.02
C VAL A 322 -4.31 -9.29 -0.91
N PHE A 323 -4.61 -8.02 -1.27
CA PHE A 323 -3.59 -7.03 -1.55
C PHE A 323 -3.30 -6.22 -0.28
N VAL A 324 -2.25 -6.63 0.43
CA VAL A 324 -1.94 -6.09 1.74
C VAL A 324 -1.37 -4.70 1.62
N GLU A 325 -1.90 -3.77 2.42
CA GLU A 325 -1.54 -2.36 2.20
C GLU A 325 -1.64 -1.44 3.42
N GLY A 326 -2.44 -1.81 4.42
CA GLY A 326 -2.59 -1.07 5.68
C GLY A 326 -2.31 -2.00 6.86
N LEU A 327 -1.60 -1.51 7.87
CA LEU A 327 -1.21 -2.32 9.01
C LEU A 327 -1.03 -1.44 10.24
N VAL A 328 -1.78 -1.74 11.30
CA VAL A 328 -1.69 -0.99 12.54
C VAL A 328 -1.62 -1.92 13.74
N TYR A 329 -0.99 -1.44 14.81
CA TYR A 329 -0.96 -2.11 16.10
C TYR A 329 -1.89 -1.32 17.03
N TYR A 330 -2.99 -1.94 17.41
CA TYR A 330 -4.10 -1.24 18.10
C TYR A 330 -4.69 -2.19 19.13
N ARG A 331 -4.90 -1.70 20.34
CA ARG A 331 -5.46 -2.55 21.40
C ARG A 331 -4.75 -3.90 21.48
N ASN A 332 -3.43 -3.83 21.45
CA ASN A 332 -2.56 -4.99 21.65
C ASN A 332 -2.62 -6.08 20.58
N LYS A 333 -3.14 -5.73 19.42
CA LYS A 333 -3.17 -6.66 18.27
C LYS A 333 -2.78 -5.94 16.97
N TRP A 334 -2.43 -6.74 15.97
CA TRP A 334 -2.17 -6.21 14.64
C TRP A 334 -3.40 -6.37 13.77
N TYR A 335 -3.81 -5.27 13.13
CA TYR A 335 -4.90 -5.24 12.19
C TYR A 335 -4.34 -4.94 10.81
N LEU A 336 -4.53 -5.89 9.91
CA LEU A 336 -4.01 -5.87 8.53
C LEU A 336 -5.18 -5.66 7.56
N TYR A 337 -5.13 -4.57 6.79
CA TYR A 337 -6.18 -4.18 5.85
C TYR A 337 -5.69 -4.44 4.43
N TYR A 338 -6.52 -5.12 3.65
CA TYR A 338 -6.13 -5.52 2.33
C TYR A 338 -7.27 -5.38 1.32
N GLY A 339 -6.89 -5.19 0.07
CA GLY A 339 -7.85 -5.14 -1.03
C GLY A 339 -8.26 -6.57 -1.39
N CYS A 340 -9.52 -6.74 -1.75
CA CYS A 340 -10.07 -8.06 -2.17
C CYS A 340 -10.46 -8.00 -3.61
N ALA A 341 -9.63 -8.60 -4.48
CA ALA A 341 -9.89 -8.68 -5.91
C ALA A 341 -10.24 -7.32 -6.56
N ASP A 342 -9.57 -6.26 -6.09
CA ASP A 342 -9.78 -4.87 -6.55
C ASP A 342 -11.22 -4.38 -6.36
N SER A 343 -11.91 -4.93 -5.35
CA SER A 343 -13.33 -4.65 -5.18
C SER A 343 -13.81 -4.31 -3.77
N PHE A 344 -13.19 -4.91 -2.76
CA PHE A 344 -13.58 -4.70 -1.36
C PHE A 344 -12.35 -4.49 -0.46
N VAL A 345 -12.60 -4.02 0.75
CA VAL A 345 -11.59 -4.02 1.81
C VAL A 345 -11.95 -5.08 2.86
N ALA A 346 -10.95 -5.85 3.26
CA ALA A 346 -11.06 -6.84 4.34
C ALA A 346 -9.97 -6.63 5.41
N VAL A 347 -10.21 -7.22 6.58
CA VAL A 347 -9.30 -7.18 7.72
C VAL A 347 -8.91 -8.60 8.17
N ALA A 348 -7.66 -8.76 8.58
CA ALA A 348 -7.22 -9.95 9.31
C ALA A 348 -6.46 -9.45 10.55
N VAL A 349 -6.50 -10.25 11.62
CA VAL A 349 -6.01 -9.80 12.94
C VAL A 349 -5.04 -10.83 13.45
N SER A 350 -3.94 -10.36 14.03
CA SER A 350 -2.95 -11.25 14.67
C SER A 350 -2.57 -10.76 16.07
N ASP A 351 -2.25 -11.74 16.92
N ASP A 351 -2.27 -11.69 16.98
CA ASP A 351 -1.84 -11.50 18.29
CA ASP A 351 -1.77 -11.28 18.28
C ASP A 351 -0.30 -11.58 18.43
C ASP A 351 -0.30 -11.66 18.45
N LYS A 352 0.39 -11.88 17.34
CA LYS A 352 1.83 -12.12 17.37
C LYS A 352 2.57 -10.90 17.86
N GLN A 353 3.53 -11.10 18.76
CA GLN A 353 4.28 -9.97 19.25
C GLN A 353 5.69 -10.05 18.63
N LEU A 354 6.04 -9.02 17.87
CA LEU A 354 7.35 -8.94 17.25
C LEU A 354 8.34 -8.43 18.28
N ASN A 355 9.63 -8.65 18.01
CA ASN A 355 10.67 -8.27 18.97
C ASN A 355 11.24 -6.88 18.65
N PHE A 356 10.93 -5.92 19.52
CA PHE A 356 11.55 -4.59 19.54
C PHE A 356 12.41 -4.40 20.78
#